data_7D0X
#
_entry.id   7D0X
#
loop_
_entity.id
_entity.type
_entity.pdbx_description
1 polymer "DNA (5'-D(*(MCY)P*TP*TP*GP*(3DR)P*(5CM)P*TP*TP*G)-3')"
2 non-polymer 'SODIUM ION'
#
_entity_poly.entity_id   1
_entity_poly.type   'polydeoxyribonucleotide'
_entity_poly.pdbx_seq_one_letter_code
;(MCY)(DT)(DT)(DG)(3DR)(5CM)(DT)(DT)(DG)
;
_entity_poly.pdbx_strand_id   A
#